data_3SPR
#
_entry.id   3SPR
#
_cell.length_a   79.900
_cell.length_b   109.200
_cell.length_c   61.310
_cell.angle_alpha   90.000
_cell.angle_beta   90.000
_cell.angle_gamma   90.000
#
_symmetry.space_group_name_H-M   'C 2 2 21'
#
loop_
_entity.id
_entity.type
_entity.pdbx_description
1 polymer '14-3-3 protein sigma'
2 polymer 'TASK-3 peptide'
3 non-polymer 'Fusicoccin A-THF'
4 non-polymer 'CHLORIDE ION'
5 non-polymer 'MAGNESIUM ION'
6 water water
#
loop_
_entity_poly.entity_id
_entity_poly.type
_entity_poly.pdbx_seq_one_letter_code
_entity_poly.pdbx_strand_id
1 'polypeptide(L)'
;GAMGSMERASLIQKAKLAEQAERYEDMAAFMKGAVEKGEELSVEERNLLSVAYKNVVGGQRAAWRVLSSIEQKSNEEGSE
EKGPEVREYREKVETELQGVCDTVLGLLDSHLIKEAGDAESRVFYLKMKGDYYRYLAEVATGDDKKRIIDSARSAYQEAM
DISKKEMPPTHPIRLGLALNFSVFHYEIANSPEEAISLAKTTFDEAMADLHTLSEDSYKDSTLIMQLLRDNLTLWT
;
A
2 'polypeptide(L)' KRRK(SEP)V P
#
# COMPACT_ATOMS: atom_id res chain seq x y z
N GLY A 1 16.04 16.94 -5.48
CA GLY A 1 15.63 17.30 -4.08
C GLY A 1 16.84 17.11 -3.16
N ALA A 2 16.59 16.59 -1.94
CA ALA A 2 17.64 16.16 -1.00
C ALA A 2 18.70 15.26 -1.61
N MET A 3 18.29 14.47 -2.62
CA MET A 3 19.08 13.38 -3.14
C MET A 3 19.52 13.71 -4.52
N GLY A 4 19.34 14.98 -4.87
CA GLY A 4 19.59 15.49 -6.26
C GLY A 4 21.03 15.30 -6.62
N SER A 5 21.93 15.27 -5.64
CA SER A 5 23.33 15.19 -5.99
C SER A 5 23.86 13.74 -5.97
N MET A 6 23.06 12.79 -5.50
CA MET A 6 23.51 11.43 -5.54
C MET A 6 23.10 10.77 -6.81
N GLU A 7 24.01 9.98 -7.34
CA GLU A 7 23.75 9.06 -8.41
C GLU A 7 22.56 8.18 -8.19
N ARG A 8 21.76 8.07 -9.25
CA ARG A 8 20.64 7.21 -9.19
C ARG A 8 21.07 5.81 -8.71
N ALA A 9 22.13 5.22 -9.29
CA ALA A 9 22.49 3.87 -8.91
C ALA A 9 22.92 3.85 -7.43
N SER A 10 23.50 4.94 -6.96
CA SER A 10 23.98 5.03 -5.54
C SER A 10 22.78 5.08 -4.63
N LEU A 11 21.77 5.81 -5.05
CA LEU A 11 20.53 5.88 -4.28
C LEU A 11 19.92 4.50 -4.22
N ILE A 12 19.92 3.77 -5.31
CA ILE A 12 19.36 2.42 -5.31
CA ILE A 12 19.34 2.44 -5.26
C ILE A 12 20.22 1.52 -4.44
N GLN A 13 21.52 1.64 -4.60
CA GLN A 13 22.41 0.84 -3.83
CA GLN A 13 22.43 0.86 -3.82
C GLN A 13 22.17 1.16 -2.34
N LYS A 14 21.95 2.42 -2.02
CA LYS A 14 21.78 2.80 -0.65
C LYS A 14 20.41 2.43 -0.16
N ALA A 15 19.42 2.39 -1.06
CA ALA A 15 18.09 1.96 -0.66
C ALA A 15 18.19 0.49 -0.24
N LYS A 16 18.95 -0.33 -0.97
CA LYS A 16 19.12 -1.75 -0.64
C LYS A 16 19.84 -1.92 0.70
N LEU A 17 20.82 -1.09 0.93
CA LEU A 17 21.57 -1.11 2.20
C LEU A 17 20.70 -0.72 3.36
N ALA A 18 19.88 0.33 3.17
CA ALA A 18 19.00 0.84 4.19
C ALA A 18 18.00 -0.26 4.45
N GLU A 19 17.58 -0.93 3.41
CA GLU A 19 16.64 -2.02 3.63
C GLU A 19 17.28 -3.09 4.53
N GLN A 20 18.50 -3.46 4.21
CA GLN A 20 19.20 -4.49 4.98
C GLN A 20 19.35 -3.97 6.40
N ALA A 21 19.51 -2.66 6.55
CA ALA A 21 19.70 -2.12 7.84
C ALA A 21 18.36 -1.81 8.48
N GLU A 22 17.28 -2.19 7.81
CA GLU A 22 15.91 -1.84 8.28
C GLU A 22 15.79 -0.37 8.57
N ARG A 23 16.42 0.41 7.72
CA ARG A 23 16.32 1.82 7.85
C ARG A 23 15.37 2.28 6.77
N TYR A 24 14.08 2.10 7.00
CA TYR A 24 13.10 2.25 5.94
C TYR A 24 12.86 3.67 5.56
N GLU A 25 12.97 4.57 6.52
CA GLU A 25 12.86 6.00 6.20
CA GLU A 25 12.91 6.02 6.25
C GLU A 25 13.99 6.41 5.24
N ASP A 26 15.20 5.97 5.52
CA ASP A 26 16.32 6.22 4.64
C ASP A 26 16.03 5.58 3.31
N MET A 27 15.55 4.34 3.39
CA MET A 27 15.27 3.61 2.20
C MET A 27 14.34 4.39 1.33
N ALA A 28 13.28 4.84 1.96
CA ALA A 28 12.25 5.54 1.22
C ALA A 28 12.83 6.86 0.67
N ALA A 29 13.69 7.50 1.43
CA ALA A 29 14.28 8.77 0.98
C ALA A 29 15.19 8.52 -0.21
N PHE A 30 15.93 7.42 -0.19
CA PHE A 30 16.82 7.08 -1.30
C PHE A 30 16.01 6.75 -2.53
N MET A 31 14.97 5.95 -2.35
CA MET A 31 14.09 5.64 -3.48
C MET A 31 13.34 6.81 -4.05
N LYS A 32 12.88 7.73 -3.19
CA LYS A 32 12.23 8.92 -3.65
C LYS A 32 13.27 9.67 -4.47
N GLY A 33 14.49 9.77 -3.91
CA GLY A 33 15.58 10.38 -4.67
C GLY A 33 15.73 9.70 -5.99
N ALA A 34 15.68 8.35 -5.99
CA ALA A 34 15.85 7.64 -7.26
C ALA A 34 14.69 7.93 -8.17
N VAL A 35 13.49 7.95 -7.63
CA VAL A 35 12.37 8.21 -8.50
C VAL A 35 12.55 9.57 -9.15
N GLU A 36 12.94 10.54 -8.34
CA GLU A 36 13.07 11.92 -8.77
C GLU A 36 14.18 12.14 -9.80
N LYS A 37 14.97 11.09 -10.09
CA LYS A 37 15.89 11.11 -11.21
C LYS A 37 15.17 11.16 -12.53
N GLY A 38 13.88 10.77 -12.51
CA GLY A 38 13.07 11.01 -13.65
C GLY A 38 13.03 9.80 -14.54
N GLU A 39 13.91 8.83 -14.32
CA GLU A 39 13.91 7.61 -15.09
CA GLU A 39 13.90 7.62 -15.09
C GLU A 39 12.86 6.66 -14.48
N GLU A 40 12.28 5.83 -15.33
CA GLU A 40 11.33 4.84 -14.88
C GLU A 40 12.06 3.86 -13.97
N LEU A 41 11.28 3.15 -13.18
CA LEU A 41 11.88 2.30 -12.21
C LEU A 41 11.83 0.96 -12.86
N SER A 42 12.87 0.18 -12.64
CA SER A 42 12.81 -1.20 -12.96
C SER A 42 11.89 -1.91 -11.97
N VAL A 43 11.62 -3.18 -12.22
CA VAL A 43 10.82 -3.94 -11.30
C VAL A 43 11.41 -3.97 -9.90
N GLU A 44 12.69 -4.29 -9.80
CA GLU A 44 13.32 -4.32 -8.49
CA GLU A 44 13.36 -4.33 -8.49
C GLU A 44 13.24 -2.97 -7.78
N GLU A 45 13.44 -1.89 -8.54
CA GLU A 45 13.41 -0.57 -7.99
C GLU A 45 12.02 -0.19 -7.50
N ARG A 46 10.99 -0.54 -8.25
CA ARG A 46 9.64 -0.22 -7.81
C ARG A 46 9.39 -1.02 -6.55
N ASN A 47 9.88 -2.25 -6.52
CA ASN A 47 9.76 -3.07 -5.34
C ASN A 47 10.42 -2.42 -4.17
N LEU A 48 11.62 -1.87 -4.39
CA LEU A 48 12.32 -1.15 -3.31
C LEU A 48 11.52 0.06 -2.85
N LEU A 49 10.95 0.76 -3.80
CA LEU A 49 10.21 1.96 -3.51
C LEU A 49 9.00 1.57 -2.63
N SER A 50 8.25 0.57 -3.09
CA SER A 50 7.05 0.13 -2.42
CA SER A 50 7.06 0.12 -2.42
C SER A 50 7.41 -0.35 -1.02
N VAL A 51 8.45 -1.16 -0.92
CA VAL A 51 8.82 -1.67 0.35
C VAL A 51 9.23 -0.56 1.32
N ALA A 52 9.93 0.45 0.80
CA ALA A 52 10.49 1.48 1.62
C ALA A 52 9.29 2.16 2.24
N TYR A 53 8.42 2.64 1.39
CA TYR A 53 7.30 3.40 1.90
C TYR A 53 6.28 2.63 2.67
N LYS A 54 6.09 1.37 2.29
CA LYS A 54 5.11 0.52 2.93
C LYS A 54 5.56 0.37 4.36
N ASN A 55 6.84 0.11 4.56
CA ASN A 55 7.37 0.09 5.89
C ASN A 55 7.28 1.39 6.64
N VAL A 56 7.65 2.49 6.02
CA VAL A 56 7.50 3.75 6.71
C VAL A 56 6.07 3.98 7.14
N VAL A 57 5.16 3.87 6.20
CA VAL A 57 3.83 4.24 6.49
C VAL A 57 3.19 3.18 7.39
N GLY A 58 3.66 1.93 7.26
CA GLY A 58 3.19 0.86 8.10
C GLY A 58 3.49 1.16 9.56
N GLY A 59 4.72 1.61 9.87
CA GLY A 59 5.03 2.13 11.23
C GLY A 59 4.14 3.34 11.65
N GLN A 60 3.91 4.29 10.76
CA GLN A 60 3.09 5.42 11.17
C GLN A 60 1.65 4.99 11.39
N ARG A 61 1.21 4.04 10.59
CA ARG A 61 -0.19 3.60 10.65
C ARG A 61 -0.37 2.88 11.97
N ALA A 62 0.58 2.01 12.32
CA ALA A 62 0.49 1.24 13.49
C ALA A 62 0.47 2.19 14.68
N ALA A 63 1.31 3.24 14.61
CA ALA A 63 1.46 4.19 15.71
C ALA A 63 0.16 4.96 15.78
N TRP A 64 -0.34 5.34 14.63
CA TRP A 64 -1.58 6.08 14.54
C TRP A 64 -2.72 5.25 15.20
N ARG A 65 -2.73 3.94 14.97
CA ARG A 65 -3.85 3.16 15.49
C ARG A 65 -3.70 3.05 16.99
N VAL A 66 -2.46 2.92 17.47
CA VAL A 66 -2.21 2.93 18.91
C VAL A 66 -2.78 4.20 19.46
N LEU A 67 -2.38 5.35 18.90
CA LEU A 67 -2.79 6.65 19.46
C LEU A 67 -4.26 6.89 19.30
N SER A 68 -4.77 6.46 18.16
CA SER A 68 -6.18 6.63 17.93
C SER A 68 -7.00 5.82 18.93
N SER A 69 -6.56 4.62 19.25
CA SER A 69 -7.31 3.78 20.17
CA SER A 69 -7.29 3.77 20.16
C SER A 69 -7.21 4.41 21.55
N ILE A 70 -6.04 4.95 21.88
CA ILE A 70 -5.90 5.66 23.14
C ILE A 70 -6.90 6.82 23.21
N GLU A 71 -6.95 7.57 22.12
CA GLU A 71 -7.74 8.76 22.03
C GLU A 71 -9.22 8.44 22.16
N GLN A 72 -9.64 7.41 21.44
CA GLN A 72 -11.06 7.01 21.52
C GLN A 72 -11.35 6.57 22.97
N LYS A 73 -10.49 5.75 23.57
CA LYS A 73 -10.64 5.44 24.99
C LYS A 73 -10.79 6.68 25.93
N SER A 74 -10.02 7.74 25.68
CA SER A 74 -10.09 8.97 26.47
C SER A 74 -11.34 9.79 26.17
N ASN A 75 -12.08 9.36 25.16
CA ASN A 75 -13.35 9.95 24.79
C ASN A 75 -14.55 9.12 25.28
N GLU A 76 -14.27 7.99 25.94
CA GLU A 76 -15.34 7.18 26.57
C GLU A 76 -15.94 7.86 27.81
N GLU A 77 -17.23 7.60 28.06
CA GLU A 77 -17.88 8.07 29.30
C GLU A 77 -17.07 7.56 30.48
N GLY A 78 -16.79 8.46 31.42
CA GLY A 78 -16.04 8.11 32.66
C GLY A 78 -14.52 8.19 32.53
N SER A 79 -14.02 8.40 31.31
CA SER A 79 -12.59 8.62 31.06
C SER A 79 -12.15 9.98 31.55
N GLU A 80 -11.10 10.00 32.37
CA GLU A 80 -10.59 11.25 32.94
C GLU A 80 -10.10 12.16 31.81
N GLU A 81 -10.41 13.46 31.89
CA GLU A 81 -9.96 14.41 30.89
C GLU A 81 -8.44 14.48 30.93
N LYS A 82 -7.76 14.12 29.85
CA LYS A 82 -6.30 14.13 29.94
C LYS A 82 -5.64 15.32 29.27
N GLY A 83 -6.48 16.19 28.69
CA GLY A 83 -5.99 17.35 27.97
C GLY A 83 -5.98 17.03 26.50
N PRO A 84 -5.39 17.92 25.72
CA PRO A 84 -5.38 17.81 24.27
C PRO A 84 -4.28 16.85 23.77
N GLU A 85 -3.44 16.34 24.67
CA GLU A 85 -2.20 15.75 24.24
C GLU A 85 -2.33 14.52 23.34
N VAL A 86 -3.26 13.65 23.69
CA VAL A 86 -3.45 12.45 22.94
C VAL A 86 -3.90 12.84 21.54
N ARG A 87 -4.90 13.72 21.43
CA ARG A 87 -5.41 14.16 20.14
CA ARG A 87 -5.42 14.19 20.17
C ARG A 87 -4.25 14.83 19.41
N GLU A 88 -3.52 15.68 20.12
CA GLU A 88 -2.40 16.40 19.47
C GLU A 88 -1.38 15.45 18.91
N TYR A 89 -1.00 14.48 19.70
CA TYR A 89 0.03 13.56 19.26
C TYR A 89 -0.48 12.64 18.16
N ARG A 90 -1.74 12.22 18.27
CA ARG A 90 -2.33 11.48 17.18
C ARG A 90 -2.34 12.33 15.91
N GLU A 91 -2.72 13.59 16.04
CA GLU A 91 -2.67 14.51 14.93
CA GLU A 91 -2.68 14.54 14.94
C GLU A 91 -1.29 14.67 14.36
N LYS A 92 -0.29 14.71 15.24
CA LYS A 92 1.05 14.90 14.78
CA LYS A 92 1.11 14.84 14.85
C LYS A 92 1.41 13.65 13.98
N VAL A 93 1.13 12.46 14.54
CA VAL A 93 1.50 11.24 13.85
C VAL A 93 0.71 11.15 12.56
N GLU A 94 -0.54 11.55 12.65
CA GLU A 94 -1.39 11.46 11.49
C GLU A 94 -0.93 12.39 10.39
N THR A 95 -0.47 13.57 10.76
CA THR A 95 -0.01 14.55 9.79
CA THR A 95 -0.05 14.49 9.71
C THR A 95 1.22 14.00 9.07
N GLU A 96 2.12 13.45 9.85
CA GLU A 96 3.33 12.90 9.28
CA GLU A 96 3.35 12.88 9.35
C GLU A 96 2.99 11.73 8.38
N LEU A 97 2.03 10.91 8.80
CA LEU A 97 1.58 9.84 7.97
C LEU A 97 1.02 10.37 6.66
N GLN A 98 0.19 11.40 6.77
CA GLN A 98 -0.44 11.93 5.59
C GLN A 98 0.63 12.48 4.70
N GLY A 99 1.64 13.04 5.32
CA GLY A 99 2.76 13.60 4.53
C GLY A 99 3.49 12.49 3.81
N VAL A 100 3.69 11.36 4.43
CA VAL A 100 4.25 10.24 3.66
C VAL A 100 3.37 9.78 2.49
N CYS A 101 2.09 9.61 2.79
CA CYS A 101 1.15 9.27 1.77
C CYS A 101 1.18 10.27 0.67
N ASP A 102 1.16 11.57 1.03
CA ASP A 102 1.19 12.60 0.02
C ASP A 102 2.45 12.54 -0.80
N THR A 103 3.53 12.24 -0.13
CA THR A 103 4.80 12.14 -0.82
C THR A 103 4.76 11.03 -1.85
N VAL A 104 4.20 9.89 -1.47
CA VAL A 104 4.22 8.75 -2.34
C VAL A 104 3.31 9.02 -3.51
N LEU A 105 2.14 9.57 -3.20
CA LEU A 105 1.12 9.91 -4.18
C LEU A 105 1.71 10.89 -5.15
N GLY A 106 2.52 11.78 -4.60
CA GLY A 106 3.19 12.78 -5.37
C GLY A 106 4.20 12.15 -6.29
N LEU A 107 4.92 11.13 -5.80
CA LEU A 107 5.86 10.45 -6.71
C LEU A 107 5.10 9.70 -7.78
N LEU A 108 4.00 9.04 -7.38
CA LEU A 108 3.23 8.28 -8.36
C LEU A 108 2.73 9.24 -9.39
N ASP A 109 2.32 10.39 -8.95
CA ASP A 109 1.72 11.37 -9.86
CA ASP A 109 1.71 11.22 -9.93
C ASP A 109 2.76 12.16 -10.62
N SER A 110 3.96 12.29 -10.02
CA SER A 110 5.12 12.95 -10.68
C SER A 110 6.45 12.12 -10.71
N HIS A 111 6.60 11.16 -11.61
CA HIS A 111 5.70 10.94 -12.72
C HIS A 111 5.65 9.46 -13.00
N LEU A 112 5.68 8.68 -11.95
CA LEU A 112 5.70 7.23 -12.12
C LEU A 112 4.53 6.72 -12.96
N ILE A 113 3.33 7.14 -12.59
CA ILE A 113 2.14 6.60 -13.27
C ILE A 113 2.11 6.95 -14.73
N LYS A 114 2.29 8.22 -15.05
CA LYS A 114 2.13 8.58 -16.42
C LYS A 114 3.16 7.90 -17.34
N GLU A 115 4.33 7.56 -16.80
CA GLU A 115 5.33 6.93 -17.61
C GLU A 115 5.27 5.42 -17.56
N ALA A 116 4.37 4.85 -16.72
CA ALA A 116 4.31 3.41 -16.53
C ALA A 116 3.42 2.88 -17.63
N GLY A 117 4.02 2.30 -18.66
CA GLY A 117 3.24 1.76 -19.78
C GLY A 117 3.00 0.27 -19.74
N ASP A 118 3.93 -0.50 -19.20
CA ASP A 118 3.71 -1.93 -19.01
C ASP A 118 2.75 -2.13 -17.88
N ALA A 119 1.87 -3.10 -18.06
CA ALA A 119 0.90 -3.46 -17.00
C ALA A 119 1.53 -3.66 -15.66
N GLU A 120 2.64 -4.38 -15.60
CA GLU A 120 3.32 -4.65 -14.33
C GLU A 120 3.72 -3.38 -13.64
N SER A 121 4.22 -2.39 -14.38
CA SER A 121 4.55 -1.16 -13.70
C SER A 121 3.26 -0.40 -13.41
N ARG A 122 2.35 -0.32 -14.36
CA ARG A 122 1.21 0.54 -14.21
C ARG A 122 0.31 0.08 -13.07
N VAL A 123 0.14 -1.23 -12.97
CA VAL A 123 -0.73 -1.81 -11.99
C VAL A 123 -0.07 -1.65 -10.65
N PHE A 124 1.25 -1.90 -10.62
CA PHE A 124 2.00 -1.73 -9.40
CA PHE A 124 2.01 -1.73 -9.39
C PHE A 124 1.79 -0.30 -8.87
N TYR A 125 2.04 0.68 -9.72
CA TYR A 125 1.90 2.02 -9.27
C TYR A 125 0.50 2.40 -8.87
N LEU A 126 -0.49 1.93 -9.61
CA LEU A 126 -1.88 2.23 -9.26
C LEU A 126 -2.28 1.56 -7.98
N LYS A 127 -1.77 0.34 -7.78
CA LYS A 127 -1.99 -0.31 -6.53
C LYS A 127 -1.48 0.55 -5.39
N MET A 128 -0.25 1.03 -5.57
CA MET A 128 0.41 1.84 -4.55
C MET A 128 -0.44 3.09 -4.38
N LYS A 129 -0.95 3.65 -5.46
CA LYS A 129 -1.75 4.88 -5.36
C LYS A 129 -3.01 4.56 -4.56
N GLY A 130 -3.62 3.44 -4.91
CA GLY A 130 -4.77 2.97 -4.10
C GLY A 130 -4.38 2.81 -2.64
N ASP A 131 -3.27 2.13 -2.35
CA ASP A 131 -2.81 1.94 -1.00
C ASP A 131 -2.66 3.27 -0.23
N TYR A 132 -1.96 4.22 -0.86
CA TYR A 132 -1.64 5.44 -0.12
C TYR A 132 -2.89 6.27 0.06
N TYR A 133 -3.80 6.23 -0.91
CA TYR A 133 -5.07 6.89 -0.67
C TYR A 133 -5.84 6.14 0.36
N ARG A 134 -5.69 4.81 0.40
CA ARG A 134 -6.35 4.09 1.44
C ARG A 134 -5.79 4.42 2.82
N TYR A 135 -4.50 4.70 2.87
CA TYR A 135 -3.92 5.00 4.19
C TYR A 135 -4.41 6.37 4.58
N LEU A 136 -4.59 7.23 3.58
CA LEU A 136 -5.15 8.55 3.86
C LEU A 136 -6.55 8.29 4.34
N ALA A 137 -7.24 7.33 3.71
CA ALA A 137 -8.67 7.13 4.04
C ALA A 137 -8.74 6.65 5.46
N GLU A 138 -7.74 5.90 5.90
CA GLU A 138 -7.80 5.35 7.24
C GLU A 138 -7.90 6.39 8.33
N VAL A 139 -7.37 7.58 8.07
CA VAL A 139 -7.25 8.60 9.08
C VAL A 139 -8.16 9.74 8.73
N ALA A 140 -8.81 9.63 7.60
CA ALA A 140 -9.62 10.70 7.11
C ALA A 140 -10.91 10.71 7.92
N THR A 141 -11.33 11.88 8.35
CA THR A 141 -12.57 11.97 9.15
C THR A 141 -13.37 13.16 8.72
N GLY A 142 -12.81 13.96 7.80
CA GLY A 142 -13.39 15.21 7.37
C GLY A 142 -14.29 15.08 6.14
N ASP A 143 -14.36 16.18 5.41
CA ASP A 143 -15.29 16.30 4.27
C ASP A 143 -14.66 15.77 2.99
N ASP A 144 -13.35 15.53 3.05
CA ASP A 144 -12.64 14.86 1.96
C ASP A 144 -12.58 13.33 2.12
N LYS A 145 -13.03 12.79 3.25
CA LYS A 145 -13.03 11.35 3.40
C LYS A 145 -13.59 10.64 2.14
N LYS A 146 -14.76 11.05 1.67
CA LYS A 146 -15.32 10.37 0.51
CA LYS A 146 -15.35 10.39 0.52
C LYS A 146 -14.45 10.48 -0.69
N ARG A 147 -13.89 11.66 -0.96
CA ARG A 147 -13.07 11.83 -2.13
C ARG A 147 -11.77 10.98 -2.02
N ILE A 148 -11.20 10.93 -0.83
CA ILE A 148 -9.99 10.19 -0.59
C ILE A 148 -10.30 8.69 -0.87
N ILE A 149 -11.40 8.24 -0.30
CA ILE A 149 -11.85 6.87 -0.48
C ILE A 149 -12.08 6.60 -1.95
N ASP A 150 -12.77 7.48 -2.63
CA ASP A 150 -13.00 7.12 -4.00
CA ASP A 150 -13.00 7.25 -4.03
C ASP A 150 -11.72 7.28 -4.86
N SER A 151 -10.77 8.11 -4.44
CA SER A 151 -9.45 8.13 -5.12
C SER A 151 -8.75 6.77 -4.92
N ALA A 152 -8.81 6.24 -3.70
CA ALA A 152 -8.31 4.89 -3.45
C ALA A 152 -9.06 3.95 -4.38
N ARG A 153 -10.39 4.03 -4.37
CA ARG A 153 -11.19 3.12 -5.16
CA ARG A 153 -11.18 3.11 -5.17
C ARG A 153 -10.80 3.23 -6.63
N SER A 154 -10.68 4.47 -7.09
CA SER A 154 -10.50 4.65 -8.48
C SER A 154 -9.13 4.14 -8.89
N ALA A 155 -8.13 4.35 -8.04
CA ALA A 155 -6.81 3.89 -8.43
C ALA A 155 -6.82 2.36 -8.41
N TYR A 156 -7.44 1.76 -7.40
CA TYR A 156 -7.52 0.29 -7.31
C TYR A 156 -8.24 -0.32 -8.51
N GLN A 157 -9.34 0.31 -8.88
CA GLN A 157 -10.17 -0.16 -9.96
C GLN A 157 -9.40 -0.12 -11.24
N GLU A 158 -8.73 0.99 -11.51
CA GLU A 158 -7.95 1.08 -12.74
C GLU A 158 -6.88 0.00 -12.71
N ALA A 159 -6.21 -0.16 -11.57
CA ALA A 159 -5.22 -1.24 -11.45
C ALA A 159 -5.87 -2.59 -11.64
N MET A 160 -7.05 -2.83 -11.06
CA MET A 160 -7.75 -4.11 -11.24
C MET A 160 -8.08 -4.27 -12.71
N ASP A 161 -8.57 -3.23 -13.37
CA ASP A 161 -8.96 -3.37 -14.79
C ASP A 161 -7.79 -3.75 -15.68
N ILE A 162 -6.66 -3.07 -15.50
CA ILE A 162 -5.48 -3.40 -16.29
C ILE A 162 -4.99 -4.81 -15.91
N SER A 163 -4.93 -5.10 -14.63
CA SER A 163 -4.33 -6.34 -14.20
C SER A 163 -5.14 -7.50 -14.70
N LYS A 164 -6.46 -7.34 -14.69
CA LYS A 164 -7.37 -8.35 -15.17
C LYS A 164 -7.15 -8.54 -16.67
N LYS A 165 -6.89 -7.45 -17.38
CA LYS A 165 -6.73 -7.52 -18.80
C LYS A 165 -5.36 -8.06 -19.15
N GLU A 166 -4.36 -7.72 -18.36
CA GLU A 166 -3.02 -7.83 -18.86
C GLU A 166 -2.16 -8.76 -18.08
N MET A 167 -2.64 -9.27 -16.96
CA MET A 167 -1.82 -10.08 -16.07
CA MET A 167 -1.79 -10.10 -16.17
C MET A 167 -2.50 -11.36 -15.79
N PRO A 168 -1.74 -12.42 -15.56
CA PRO A 168 -2.31 -13.69 -15.21
C PRO A 168 -2.89 -13.59 -13.81
N PRO A 169 -3.93 -14.41 -13.54
CA PRO A 169 -4.59 -14.30 -12.24
C PRO A 169 -3.65 -14.54 -11.09
N THR A 170 -2.53 -15.20 -11.36
CA THR A 170 -1.62 -15.55 -10.31
C THR A 170 -0.55 -14.50 -10.15
N HIS A 171 -0.58 -13.45 -10.98
CA HIS A 171 0.48 -12.45 -10.89
C HIS A 171 0.56 -11.91 -9.45
N PRO A 172 1.73 -11.96 -8.79
CA PRO A 172 1.76 -11.45 -7.41
C PRO A 172 1.19 -10.03 -7.25
N ILE A 173 1.35 -9.20 -8.26
CA ILE A 173 0.93 -7.82 -8.16
C ILE A 173 -0.55 -7.82 -8.32
N ARG A 174 -1.05 -8.66 -9.22
CA ARG A 174 -2.49 -8.77 -9.34
C ARG A 174 -3.12 -9.24 -8.02
N LEU A 175 -2.50 -10.28 -7.46
CA LEU A 175 -2.99 -10.87 -6.23
C LEU A 175 -2.89 -9.86 -5.11
N GLY A 176 -1.80 -9.12 -5.09
CA GLY A 176 -1.54 -8.21 -3.96
C GLY A 176 -2.53 -7.05 -4.07
N LEU A 177 -2.78 -6.63 -5.30
CA LEU A 177 -3.68 -5.52 -5.56
C LEU A 177 -5.06 -5.93 -5.11
N ALA A 178 -5.48 -7.15 -5.51
CA ALA A 178 -6.80 -7.67 -5.10
C ALA A 178 -6.90 -7.78 -3.61
N LEU A 179 -5.90 -8.38 -3.00
CA LEU A 179 -5.86 -8.44 -1.54
C LEU A 179 -6.11 -7.08 -0.94
N ASN A 180 -5.37 -6.05 -1.38
CA ASN A 180 -5.54 -4.72 -0.79
C ASN A 180 -6.82 -4.07 -1.12
N PHE A 181 -7.26 -4.26 -2.36
CA PHE A 181 -8.51 -3.68 -2.78
C PHE A 181 -9.62 -4.29 -1.98
N SER A 182 -9.50 -5.58 -1.71
CA SER A 182 -10.53 -6.29 -0.94
C SER A 182 -10.50 -5.74 0.48
N VAL A 183 -9.30 -5.49 1.01
CA VAL A 183 -9.22 -4.85 2.34
C VAL A 183 -9.82 -3.42 2.31
N PHE A 184 -9.54 -2.69 1.26
CA PHE A 184 -10.21 -1.41 1.09
C PHE A 184 -11.72 -1.62 1.15
N HIS A 185 -12.23 -2.60 0.40
CA HIS A 185 -13.68 -2.79 0.45
C HIS A 185 -14.11 -3.07 1.84
N TYR A 186 -13.33 -3.90 2.52
CA TYR A 186 -13.73 -4.38 3.80
C TYR A 186 -13.76 -3.25 4.80
N GLU A 187 -12.71 -2.47 4.86
CA GLU A 187 -12.64 -1.66 6.07
C GLU A 187 -12.67 -0.21 5.75
N ILE A 188 -12.58 0.14 4.48
CA ILE A 188 -12.66 1.55 4.10
C ILE A 188 -14.01 1.85 3.51
N ALA A 189 -14.45 1.01 2.56
CA ALA A 189 -15.64 1.30 1.77
C ALA A 189 -16.82 0.64 2.40
N ASN A 190 -16.64 0.02 3.56
CA ASN A 190 -17.75 -0.65 4.26
C ASN A 190 -18.51 -1.58 3.28
N SER A 191 -17.75 -2.42 2.57
CA SER A 191 -18.36 -3.33 1.61
C SER A 191 -17.73 -4.69 1.86
N PRO A 192 -18.02 -5.27 3.02
CA PRO A 192 -17.39 -6.54 3.38
C PRO A 192 -17.74 -7.59 2.34
N GLU A 193 -18.93 -7.48 1.79
CA GLU A 193 -19.32 -8.48 0.83
C GLU A 193 -18.46 -8.35 -0.35
N GLU A 194 -18.25 -7.16 -0.84
CA GLU A 194 -17.43 -7.03 -2.03
C GLU A 194 -16.01 -7.50 -1.68
N ALA A 195 -15.56 -7.16 -0.48
CA ALA A 195 -14.21 -7.54 -0.02
C ALA A 195 -14.06 -9.05 -0.08
N ILE A 196 -15.05 -9.74 0.43
CA ILE A 196 -15.01 -11.21 0.45
C ILE A 196 -15.11 -11.79 -0.97
N SER A 197 -16.06 -11.31 -1.77
CA SER A 197 -16.19 -11.76 -3.16
CA SER A 197 -16.19 -11.74 -3.18
C SER A 197 -14.89 -11.52 -3.92
N LEU A 198 -14.31 -10.36 -3.75
CA LEU A 198 -13.07 -10.10 -4.42
C LEU A 198 -11.98 -11.07 -3.95
N ALA A 199 -11.81 -11.20 -2.65
CA ALA A 199 -10.77 -12.09 -2.13
C ALA A 199 -10.97 -13.54 -2.57
N LYS A 200 -12.23 -14.00 -2.59
CA LYS A 200 -12.61 -15.37 -3.00
CA LYS A 200 -12.50 -15.39 -3.00
C LYS A 200 -12.29 -15.58 -4.48
N THR A 201 -12.90 -14.75 -5.29
CA THR A 201 -12.73 -14.81 -6.71
CA THR A 201 -12.71 -14.84 -6.77
C THR A 201 -11.25 -14.72 -7.10
N THR A 202 -10.58 -13.76 -6.49
CA THR A 202 -9.17 -13.64 -6.78
C THR A 202 -8.43 -14.91 -6.43
N PHE A 203 -8.71 -15.44 -5.25
CA PHE A 203 -8.01 -16.63 -4.78
C PHE A 203 -8.25 -17.79 -5.77
N ASP A 204 -9.52 -17.98 -6.15
CA ASP A 204 -9.99 -19.11 -6.93
C ASP A 204 -9.44 -19.03 -8.32
N GLU A 205 -9.39 -17.83 -8.90
CA GLU A 205 -8.85 -17.67 -10.22
C GLU A 205 -7.34 -17.88 -10.18
N ALA A 206 -6.68 -17.44 -9.11
CA ALA A 206 -5.27 -17.73 -8.97
C ALA A 206 -5.05 -19.28 -8.88
N MET A 207 -5.77 -19.93 -7.97
CA MET A 207 -5.72 -21.39 -7.85
CA MET A 207 -5.76 -21.38 -7.86
C MET A 207 -5.70 -22.06 -9.24
N ALA A 208 -6.67 -21.72 -10.08
CA ALA A 208 -6.87 -22.37 -11.35
C ALA A 208 -5.77 -22.12 -12.35
N ASP A 209 -4.86 -21.21 -12.03
CA ASP A 209 -3.77 -20.83 -12.94
C ASP A 209 -2.39 -21.22 -12.34
N LEU A 210 -2.38 -21.71 -11.11
CA LEU A 210 -1.15 -22.20 -10.49
C LEU A 210 -0.36 -23.16 -11.43
N HIS A 211 -1.10 -23.94 -12.20
CA HIS A 211 -0.53 -25.05 -12.96
C HIS A 211 0.42 -24.54 -14.04
N THR A 212 0.29 -23.27 -14.40
CA THR A 212 1.03 -22.74 -15.54
C THR A 212 2.38 -22.29 -15.00
N LEU A 213 2.51 -22.23 -13.67
CA LEU A 213 3.66 -21.63 -13.05
C LEU A 213 4.82 -22.62 -12.81
N SER A 214 6.03 -22.11 -12.93
CA SER A 214 7.20 -22.76 -12.42
C SER A 214 7.07 -22.78 -10.88
N GLU A 215 7.96 -23.55 -10.23
CA GLU A 215 8.00 -23.66 -8.79
C GLU A 215 8.27 -22.29 -8.13
N ASP A 216 9.18 -21.48 -8.67
CA ASP A 216 9.45 -20.15 -8.08
C ASP A 216 8.22 -19.24 -8.16
N SER A 217 7.57 -19.22 -9.30
CA SER A 217 6.40 -18.34 -9.49
C SER A 217 5.22 -18.87 -8.66
N TYR A 218 5.16 -20.20 -8.54
CA TYR A 218 4.15 -20.88 -7.75
CA TYR A 218 4.13 -20.86 -7.76
C TYR A 218 4.24 -20.35 -6.34
N LYS A 219 5.47 -20.37 -5.80
CA LYS A 219 5.71 -19.94 -4.43
CA LYS A 219 5.78 -19.91 -4.44
C LYS A 219 5.34 -18.48 -4.22
N ASP A 220 5.66 -17.59 -5.16
CA ASP A 220 5.27 -16.15 -5.09
CA ASP A 220 5.25 -16.24 -4.82
C ASP A 220 3.76 -15.95 -5.01
N SER A 221 3.06 -16.63 -5.91
CA SER A 221 1.60 -16.46 -5.99
C SER A 221 0.91 -17.00 -4.72
N THR A 222 1.27 -18.23 -4.34
CA THR A 222 0.57 -18.89 -3.22
C THR A 222 0.80 -18.08 -1.94
N LEU A 223 1.96 -17.45 -1.84
CA LEU A 223 2.25 -16.60 -0.69
CA LEU A 223 2.21 -16.62 -0.67
C LEU A 223 1.13 -15.54 -0.57
N ILE A 224 0.78 -14.92 -1.68
CA ILE A 224 -0.24 -13.86 -1.59
C ILE A 224 -1.60 -14.49 -1.51
N MET A 225 -1.73 -15.64 -2.15
CA MET A 225 -3.02 -16.36 -2.08
C MET A 225 -3.34 -16.66 -0.64
N GLN A 226 -2.33 -17.06 0.12
CA GLN A 226 -2.47 -17.25 1.52
C GLN A 226 -2.94 -16.03 2.25
N LEU A 227 -2.46 -14.86 1.89
CA LEU A 227 -2.96 -13.66 2.55
C LEU A 227 -4.45 -13.48 2.23
N LEU A 228 -4.83 -13.76 0.97
CA LEU A 228 -6.28 -13.72 0.61
C LEU A 228 -7.05 -14.67 1.48
N ARG A 229 -6.50 -15.87 1.64
CA ARG A 229 -7.11 -16.91 2.46
C ARG A 229 -7.19 -16.42 3.88
N ASP A 230 -6.11 -15.81 4.37
CA ASP A 230 -6.15 -15.36 5.76
C ASP A 230 -7.30 -14.37 5.95
N ASN A 231 -7.50 -13.53 4.97
CA ASN A 231 -8.55 -12.53 5.10
C ASN A 231 -9.87 -13.21 4.97
N LEU A 232 -10.03 -14.09 4.01
CA LEU A 232 -11.32 -14.84 3.89
C LEU A 232 -11.68 -15.51 5.23
N THR A 233 -10.66 -16.08 5.90
CA THR A 233 -10.84 -16.81 7.16
C THR A 233 -11.21 -15.87 8.27
N LEU A 234 -10.55 -14.73 8.29
CA LEU A 234 -10.86 -13.70 9.23
C LEU A 234 -12.30 -13.20 9.05
N TRP A 235 -12.72 -13.09 7.81
CA TRP A 235 -13.89 -12.29 7.50
C TRP A 235 -15.14 -13.14 7.38
N THR A 236 -14.97 -14.45 7.35
CA THR A 236 -16.13 -15.30 7.11
C THR A 236 -16.18 -16.31 8.23
N LYS B 1 -4.59 -11.96 13.26
CA LYS B 1 -6.01 -11.50 13.49
C LYS B 1 -6.17 -10.09 12.95
N ARG B 2 -5.06 -9.46 12.56
CA ARG B 2 -5.23 -8.30 11.72
C ARG B 2 -5.28 -8.74 10.25
N ARG B 3 -6.29 -8.31 9.55
CA ARG B 3 -6.35 -8.59 8.09
C ARG B 3 -5.04 -8.22 7.39
N LYS B 4 -4.76 -8.93 6.31
CA LYS B 4 -3.55 -8.80 5.64
C LYS B 4 -3.72 -7.86 4.48
N VAL B 6 -0.74 -6.21 1.52
CA VAL B 6 0.57 -6.47 1.05
C VAL B 6 1.04 -5.24 0.31
#